data_7HEM
#
_entry.id   7HEM
#
_cell.length_a   88.827
_cell.length_b   88.827
_cell.length_c   39.498
_cell.angle_alpha   90.000
_cell.angle_beta   90.000
_cell.angle_gamma   90.000
#
_symmetry.space_group_name_H-M   'P 43'
#
loop_
_entity.id
_entity.type
_entity.pdbx_description
1 polymer 'Non-structural protein 3'
2 non-polymer (2R)-3-(3,4-dimethylphenyl)-2-[(7H-pyrrolo[2,3-d]pyrimidin-4-yl)amino]propan-1-ol
3 non-polymer (2S)-3-(3,4-dimethylphenyl)-2-[(7H-pyrrolo[2,3-d]pyrimidin-4-yl)amino]propan-1-ol
4 non-polymer 'CHLORIDE ION'
5 water water
#
_entity_poly.entity_id   1
_entity_poly.type   'polypeptide(L)'
_entity_poly.pdbx_seq_one_letter_code
;SMVNSFSGYLKLTDNVYIKNADIVEEAKKVKPTVVVNAANVYLKHGGGVAGALNKATNNAMQVESDDYIATNGPLKVGGS
CVLSGHNLAKHCLHVVGPNVNKGEDIQLLKSAYENFNQHEVLLAPLLSAGIFGADPIHSLRVCVDTVRTNVYLAVFDKNL
YDKLVSSFL
;
_entity_poly.pdbx_strand_id   A,B
#
loop_
_chem_comp.id
_chem_comp.type
_chem_comp.name
_chem_comp.formula
A1A90 non-polymer (2S)-3-(3,4-dimethylphenyl)-2-[(7H-pyrrolo[2,3-d]pyrimidin-4-yl)amino]propan-1-ol 'C17 H20 N4 O'
A1A91 non-polymer (2R)-3-(3,4-dimethylphenyl)-2-[(7H-pyrrolo[2,3-d]pyrimidin-4-yl)amino]propan-1-ol 'C17 H20 N4 O'
CL non-polymer 'CHLORIDE ION' 'Cl -1'
#
# COMPACT_ATOMS: atom_id res chain seq x y z
N VAL A 3 15.80 4.33 -17.55
N VAL A 3 15.72 4.47 -16.65
CA VAL A 3 17.10 4.17 -16.88
CA VAL A 3 16.84 4.23 -15.75
C VAL A 3 17.13 5.00 -15.61
C VAL A 3 16.89 5.35 -14.71
N ASN A 4 17.61 4.38 -14.52
N ASN A 4 17.81 5.21 -13.75
CA ASN A 4 17.75 5.04 -13.24
CA ASN A 4 17.91 6.18 -12.66
C ASN A 4 19.16 4.80 -12.70
C ASN A 4 19.33 6.12 -12.13
N SER A 5 19.45 5.38 -11.53
N SER A 5 19.51 6.44 -10.84
CA SER A 5 20.80 5.44 -10.99
CA SER A 5 20.83 6.46 -10.22
C SER A 5 21.10 4.36 -9.96
C SER A 5 21.14 5.17 -9.47
N PHE A 6 20.17 3.43 -9.73
N PHE A 6 20.25 4.18 -9.49
CA PHE A 6 20.44 2.33 -8.80
CA PHE A 6 20.54 2.90 -8.86
C PHE A 6 21.52 1.41 -9.40
C PHE A 6 21.62 2.16 -9.65
N SER A 7 22.48 1.01 -8.58
N SER A 7 22.58 1.60 -8.93
CA SER A 7 23.69 0.33 -9.05
CA SER A 7 23.69 0.91 -9.57
C SER A 7 23.95 -0.93 -8.22
C SER A 7 24.11 -0.26 -8.72
N GLY A 8 24.35 -2.01 -8.90
N GLY A 8 24.45 -1.37 -9.37
CA GLY A 8 24.79 -3.21 -8.21
CA GLY A 8 24.95 -2.55 -8.68
C GLY A 8 23.70 -4.14 -7.74
C GLY A 8 23.91 -3.51 -8.19
N TYR A 9 22.48 -3.99 -8.25
N TYR A 9 22.65 -3.34 -8.54
CA TYR A 9 21.37 -4.85 -7.84
CA TYR A 9 21.60 -4.24 -8.07
C TYR A 9 21.31 -6.10 -8.69
C TYR A 9 21.54 -5.50 -8.90
N LEU A 10 20.85 -7.18 -8.06
N LEU A 10 21.18 -6.61 -8.25
CA LEU A 10 20.49 -8.41 -8.76
CA LEU A 10 20.87 -7.86 -8.93
C LEU A 10 19.00 -8.32 -9.14
C LEU A 10 19.39 -7.86 -9.28
N LYS A 11 18.69 -8.70 -10.37
N LYS A 11 19.07 -8.24 -10.51
CA LYS A 11 17.33 -8.63 -10.88
CA LYS A 11 17.70 -8.27 -10.97
C LYS A 11 16.61 -9.94 -10.55
C LYS A 11 17.07 -9.60 -10.55
N LEU A 12 15.54 -9.86 -9.75
N LEU A 12 15.95 -9.52 -9.83
CA LEU A 12 14.78 -11.07 -9.44
CA LEU A 12 15.23 -10.73 -9.42
C LEU A 12 13.64 -11.32 -10.42
C LEU A 12 14.06 -11.06 -10.33
N THR A 13 12.93 -10.26 -10.81
N THR A 13 13.29 -10.05 -10.74
CA THR A 13 11.80 -10.35 -11.72
CA THR A 13 12.14 -10.24 -11.61
C THR A 13 11.83 -9.11 -12.62
C THR A 13 12.07 -9.06 -12.56
N ASP A 14 10.77 -8.93 -13.41
N ASP A 14 10.98 -9.03 -13.33
CA ASP A 14 10.69 -7.76 -14.27
CA ASP A 14 10.70 -7.91 -14.21
C ASP A 14 10.91 -6.46 -13.50
C ASP A 14 10.77 -6.57 -13.46
N ASN A 15 10.37 -6.37 -12.27
N ASN A 15 10.39 -6.55 -12.18
CA ASN A 15 10.30 -5.11 -11.55
CA ASN A 15 10.23 -5.28 -11.47
C ASN A 15 10.97 -5.12 -10.19
C ASN A 15 10.85 -5.23 -10.08
N VAL A 16 11.38 -6.28 -9.66
N VAL A 16 11.66 -6.21 -9.69
CA VAL A 16 11.98 -6.40 -8.33
CA VAL A 16 12.24 -6.25 -8.35
C VAL A 16 13.46 -6.69 -8.45
C VAL A 16 13.74 -6.46 -8.45
N TYR A 17 14.25 -5.91 -7.72
N TYR A 17 14.49 -5.63 -7.73
CA TYR A 17 15.71 -5.98 -7.67
CA TYR A 17 15.95 -5.59 -7.75
C TYR A 17 16.14 -6.03 -6.21
C TYR A 17 16.44 -5.60 -6.31
N ILE A 18 17.33 -6.57 -5.94
N ILE A 18 17.64 -6.16 -6.09
CA ILE A 18 17.77 -6.80 -4.56
CA ILE A 18 18.13 -6.34 -4.72
C ILE A 18 19.29 -6.61 -4.44
C ILE A 18 19.63 -6.09 -4.66
N LYS A 19 19.74 -6.12 -3.28
N LYS A 19 20.07 -5.50 -3.54
CA LYS A 19 21.15 -5.82 -3.03
CA LYS A 19 21.47 -5.16 -3.34
C LYS A 19 21.43 -5.92 -1.55
C LYS A 19 21.80 -5.35 -1.87
N ASN A 20 22.66 -6.32 -1.21
N ASN A 20 23.01 -5.84 -1.60
CA ASN A 20 23.16 -6.28 0.17
CA ASN A 20 23.49 -5.89 -0.22
C ASN A 20 23.72 -4.87 0.39
C ASN A 20 23.86 -4.47 0.16
N ALA A 21 22.96 -4.02 1.09
N ALA A 21 23.04 -3.85 1.00
CA ALA A 21 23.36 -2.62 1.23
CA ALA A 21 23.32 -2.50 1.42
C ALA A 21 22.69 -2.00 2.45
C ALA A 21 22.41 -2.13 2.57
N ASP A 22 23.28 -0.91 2.93
N ASP A 22 22.94 -1.27 3.42
CA ASP A 22 22.72 -0.10 4.03
CA ASP A 22 22.13 -0.53 4.39
C ASP A 22 21.80 0.94 3.41
C ASP A 22 21.27 0.46 3.63
N ILE A 23 20.50 0.84 3.71
N ILE A 23 19.95 0.39 3.84
CA ILE A 23 19.51 1.72 3.08
CA ILE A 23 19.04 1.30 3.12
C ILE A 23 19.81 3.19 3.37
C ILE A 23 19.42 2.74 3.36
N VAL A 24 20.38 3.49 4.53
N VAL A 24 19.95 3.06 4.54
CA VAL A 24 20.75 4.86 4.85
CA VAL A 24 20.37 4.43 4.83
C VAL A 24 21.79 5.37 3.86
C VAL A 24 21.50 4.84 3.90
N GLU A 25 22.85 4.59 3.65
N GLU A 25 22.46 3.95 3.68
CA GLU A 25 23.91 4.98 2.73
CA GLU A 25 23.58 4.27 2.78
C GLU A 25 23.41 4.95 1.29
C GLU A 25 23.13 4.34 1.33
N GLU A 26 22.56 3.98 0.95
N GLU A 26 22.24 3.44 0.91
CA GLU A 26 21.98 3.93 -0.39
CA GLU A 26 21.68 3.54 -0.44
C GLU A 26 21.16 5.18 -0.68
C GLU A 26 20.96 4.87 -0.64
N ALA A 27 20.29 5.57 0.26
N ALA A 27 20.21 5.32 0.37
CA ALA A 27 19.45 6.74 0.03
CA ALA A 27 19.47 6.56 0.23
C ALA A 27 20.29 8.00 -0.13
C ALA A 27 20.42 7.75 0.13
N LYS A 28 21.30 8.19 0.70
N LYS A 28 21.43 7.81 0.99
CA LYS A 28 22.16 9.37 0.59
CA LYS A 28 22.36 8.93 0.96
C LYS A 28 22.83 9.42 -0.77
C LYS A 28 23.05 9.07 -0.39
N LYS A 29 23.23 8.27 -1.30
N LYS A 29 23.29 7.95 -1.08
CA LYS A 29 23.91 8.23 -2.59
CA LYS A 29 24.06 7.98 -2.32
C LYS A 29 22.93 8.51 -3.73
C LYS A 29 23.16 8.17 -3.55
N VAL A 30 21.85 7.75 -3.79
N VAL A 30 21.91 7.73 -3.50
CA VAL A 30 20.93 7.84 -4.92
CA VAL A 30 21.04 7.74 -4.66
C VAL A 30 20.01 9.05 -4.79
C VAL A 30 20.11 8.94 -4.65
N LYS A 31 19.66 9.43 -3.57
N LYS A 31 19.69 9.36 -3.46
CA LYS A 31 18.62 10.42 -3.31
CA LYS A 31 18.65 10.37 -3.29
C LYS A 31 17.36 10.07 -4.10
C LYS A 31 17.42 10.02 -4.14
N PRO A 32 16.79 8.88 -3.88
CA PRO A 32 15.66 8.45 -4.69
C PRO A 32 14.44 9.33 -4.47
N THR A 33 13.50 9.22 -5.41
CA THR A 33 12.24 9.91 -5.24
C THR A 33 11.51 9.45 -3.99
N VAL A 34 11.55 8.15 -3.71
CA VAL A 34 10.86 7.56 -2.56
C VAL A 34 11.79 6.57 -1.87
N VAL A 35 12.00 6.78 -0.57
CA VAL A 35 12.55 5.76 0.32
C VAL A 35 11.44 5.27 1.22
N VAL A 36 11.35 3.96 1.39
CA VAL A 36 10.35 3.36 2.28
C VAL A 36 10.97 3.19 3.66
N ASN A 37 10.22 3.63 4.68
CA ASN A 37 10.55 3.35 6.07
C ASN A 37 9.71 2.19 6.58
N ALA A 38 10.38 1.33 7.36
N ALA A 38 10.34 1.31 7.36
CA ALA A 38 9.75 0.27 8.17
CA ALA A 38 9.63 0.22 8.04
C ALA A 38 9.18 0.92 9.42
C ALA A 38 9.10 0.74 9.37
N ALA A 39 7.99 1.50 9.27
N ALA A 39 7.96 1.41 9.30
CA ALA A 39 7.36 2.32 10.30
CA ALA A 39 7.42 2.16 10.43
C ALA A 39 6.49 1.49 11.23
C ALA A 39 6.52 1.29 11.31
N ASN A 40 6.16 2.06 12.38
N ASN A 40 6.25 1.79 12.51
CA ASN A 40 5.08 1.58 13.23
CA ASN A 40 5.16 1.31 13.34
C ASN A 40 3.93 2.59 13.21
C ASN A 40 4.02 2.32 13.33
N VAL A 41 2.77 2.16 13.73
N VAL A 41 2.90 1.96 13.94
CA VAL A 41 1.58 3.01 13.64
CA VAL A 41 1.67 2.76 13.79
C VAL A 41 1.77 4.32 14.36
C VAL A 41 1.76 4.16 14.40
N TYR A 42 2.68 4.37 15.35
CA TYR A 42 2.88 5.62 16.07
C TYR A 42 3.97 6.48 15.45
N LEU A 43 4.59 6.02 14.36
N LEU A 43 4.60 6.00 14.37
CA LEU A 43 5.72 6.71 13.73
CA LEU A 43 5.78 6.62 13.79
C LEU A 43 6.81 7.05 14.75
C LEU A 43 6.80 6.97 14.86
N LYS A 44 7.00 6.16 15.73
N LYS A 44 7.07 6.00 15.75
CA LYS A 44 8.08 6.27 16.70
CA LYS A 44 8.13 6.11 16.74
C LYS A 44 9.27 5.50 16.15
C LYS A 44 9.36 5.41 16.17
N HIS A 45 10.28 6.22 15.68
N HIS A 45 10.31 6.19 15.67
CA HIS A 45 11.36 5.65 14.89
CA HIS A 45 11.45 5.67 14.91
C HIS A 45 12.56 5.34 15.79
C HIS A 45 12.60 5.37 15.86
N GLY A 46 12.35 4.36 16.67
N GLY A 46 12.54 4.21 16.50
CA GLY A 46 13.29 4.11 17.75
CA GLY A 46 13.50 3.92 17.56
C GLY A 46 14.43 3.17 17.43
C GLY A 46 14.70 3.11 17.13
N GLY A 47 14.20 2.23 16.52
N GLY A 47 14.49 2.13 16.24
CA GLY A 47 15.17 1.20 16.23
CA GLY A 47 15.56 1.21 15.89
C GLY A 47 14.94 0.61 14.87
C GLY A 47 15.30 0.56 14.55
N GLY A 48 15.74 -0.40 14.54
N GLY A 48 16.19 -0.35 14.18
CA GLY A 48 15.63 -1.02 13.24
CA GLY A 48 16.08 -0.96 12.87
C GLY A 48 15.91 -0.03 12.12
C GLY A 48 16.15 0.10 11.78
N VAL A 49 15.32 -0.30 10.95
N VAL A 49 15.41 -0.17 10.70
CA VAL A 49 15.48 0.62 9.82
CA VAL A 49 15.34 0.76 9.57
C VAL A 49 14.99 2.01 10.19
C VAL A 49 14.95 2.16 10.04
N ALA A 50 13.83 2.10 10.85
N ALA A 50 13.89 2.24 10.85
CA ALA A 50 13.27 3.40 11.18
CA ALA A 50 13.33 3.55 11.19
C ALA A 50 14.20 4.20 12.08
C ALA A 50 14.30 4.36 12.04
N GLY A 51 14.79 3.55 13.08
N GLY A 51 14.84 3.75 13.09
CA GLY A 51 15.73 4.24 13.93
CA GLY A 51 15.80 4.46 13.91
C GLY A 51 16.93 4.75 13.17
C GLY A 51 17.01 4.92 13.13
N ALA A 52 17.42 3.95 12.21
N ALA A 52 17.46 4.08 12.17
CA ALA A 52 18.59 4.35 11.43
CA ALA A 52 18.62 4.43 11.38
C ALA A 52 18.26 5.50 10.49
C ALA A 52 18.30 5.55 10.38
N LEU A 53 17.14 5.42 9.76
N LEU A 53 17.15 5.48 9.70
CA LEU A 53 16.77 6.49 8.85
CA LEU A 53 16.74 6.58 8.85
C LEU A 53 16.56 7.79 9.62
C LEU A 53 16.61 7.86 9.67
N ASN A 54 15.93 7.71 10.78
N ASN A 54 15.87 7.80 10.78
CA ASN A 54 15.67 8.93 11.53
CA ASN A 54 15.66 9.01 11.56
C ASN A 54 16.96 9.57 12.02
C ASN A 54 16.97 9.59 12.05
N LYS A 55 17.90 8.74 12.52
CA LYS A 55 19.19 9.24 12.97
C LYS A 55 19.90 9.98 11.84
N ALA A 56 19.83 9.44 10.62
CA ALA A 56 20.47 10.09 9.49
C ALA A 56 19.87 11.44 9.16
N THR A 57 18.60 11.69 9.54
CA THR A 57 17.97 13.00 9.37
C THR A 57 18.18 13.93 10.56
N ASN A 58 19.02 13.54 11.51
CA ASN A 58 19.27 14.37 12.70
C ASN A 58 17.98 14.60 13.49
N ASN A 59 17.09 13.59 13.50
CA ASN A 59 15.83 13.59 14.23
C ASN A 59 14.74 14.43 13.55
N ALA A 60 15.00 15.02 12.38
CA ALA A 60 13.96 15.78 11.70
C ALA A 60 12.79 14.90 11.30
N MET A 61 13.06 13.65 10.91
CA MET A 61 11.98 12.72 10.60
C MET A 61 11.05 12.53 11.79
N GLN A 62 11.62 12.36 12.99
CA GLN A 62 10.79 12.18 14.18
C GLN A 62 9.97 13.42 14.49
N VAL A 63 10.57 14.61 14.37
CA VAL A 63 9.83 15.84 14.64
C VAL A 63 8.63 15.97 13.70
N GLU A 64 8.86 15.74 12.40
CA GLU A 64 7.78 15.79 11.44
C GLU A 64 6.72 14.74 11.74
N SER A 65 7.16 13.53 12.10
CA SER A 65 6.25 12.44 12.40
C SER A 65 5.38 12.73 13.61
N ASP A 66 5.95 13.35 14.64
CA ASP A 66 5.16 13.66 15.84
C ASP A 66 4.04 14.64 15.50
N ASP A 67 4.33 15.62 14.66
CA ASP A 67 3.28 16.54 14.21
C ASP A 67 2.22 15.79 13.39
N TYR A 68 2.65 14.88 12.52
CA TYR A 68 1.68 14.09 11.74
C TYR A 68 0.73 13.32 12.66
N ILE A 69 1.27 12.64 13.67
CA ILE A 69 0.44 11.84 14.58
C ILE A 69 -0.48 12.74 15.40
N ALA A 70 0.04 13.88 15.87
CA ALA A 70 -0.79 14.78 16.65
C ALA A 70 -2.00 15.25 15.85
N THR A 71 -1.85 15.39 14.54
CA THR A 71 -2.95 15.85 13.69
C THR A 71 -3.87 14.71 13.29
N ASN A 72 -3.31 13.55 12.92
CA ASN A 72 -4.03 12.50 12.21
C ASN A 72 -4.28 11.25 13.02
N GLY A 73 -3.59 11.06 14.14
CA GLY A 73 -3.65 9.82 14.86
C GLY A 73 -2.82 8.73 14.21
N PRO A 74 -2.78 7.56 14.84
CA PRO A 74 -1.91 6.48 14.36
C PRO A 74 -2.34 5.95 12.99
N LEU A 75 -1.35 5.40 12.29
CA LEU A 75 -1.63 4.65 11.09
C LEU A 75 -2.29 3.32 11.44
N LYS A 76 -2.78 2.64 10.40
CA LYS A 76 -3.25 1.26 10.48
C LYS A 76 -2.09 0.31 10.20
N VAL A 77 -2.08 -0.85 10.86
CA VAL A 77 -1.18 -1.91 10.41
C VAL A 77 -1.57 -2.29 8.99
N GLY A 78 -0.59 -2.31 8.08
CA GLY A 78 -0.84 -2.47 6.66
C GLY A 78 -0.96 -1.16 5.92
N GLY A 79 -1.01 -0.04 6.62
CA GLY A 79 -1.18 1.27 6.01
C GLY A 79 0.13 2.03 5.86
N SER A 80 -0.01 3.27 5.39
CA SER A 80 1.15 4.09 5.07
C SER A 80 0.77 5.56 5.09
N CYS A 81 1.81 6.40 5.12
CA CYS A 81 1.65 7.81 4.82
C CYS A 81 2.91 8.30 4.12
N VAL A 82 2.75 9.35 3.32
CA VAL A 82 3.86 10.00 2.62
C VAL A 82 4.26 11.24 3.41
N LEU A 83 5.53 11.30 3.81
CA LEU A 83 6.09 12.46 4.48
C LEU A 83 7.37 12.85 3.73
N SER A 84 8.06 13.87 4.26
CA SER A 84 9.29 14.31 3.62
C SER A 84 10.37 13.22 3.67
N GLY A 85 11.23 13.20 2.66
CA GLY A 85 12.42 12.40 2.68
C GLY A 85 13.62 13.08 3.29
N HIS A 86 13.48 14.35 3.69
CA HIS A 86 14.54 15.09 4.37
C HIS A 86 15.79 15.06 3.49
N ASN A 87 16.96 14.78 4.05
CA ASN A 87 18.20 14.74 3.31
C ASN A 87 18.44 13.41 2.61
N LEU A 88 17.49 12.48 2.67
CA LEU A 88 17.70 11.12 2.16
C LEU A 88 17.01 10.84 0.83
N ALA A 89 15.92 11.54 0.53
CA ALA A 89 15.07 11.24 -0.61
C ALA A 89 14.12 12.41 -0.76
N LYS A 90 13.41 12.47 -1.88
CA LYS A 90 12.36 13.49 -1.99
C LYS A 90 11.27 13.22 -0.96
N HIS A 91 10.77 11.99 -0.93
CA HIS A 91 9.68 11.58 -0.05
C HIS A 91 10.09 10.34 0.72
N CYS A 92 9.51 10.18 1.91
CA CYS A 92 9.56 8.93 2.65
C CYS A 92 8.16 8.36 2.73
N LEU A 93 7.99 7.15 2.23
CA LEU A 93 6.76 6.39 2.39
C LEU A 93 6.90 5.54 3.65
N HIS A 94 6.23 5.94 4.72
CA HIS A 94 6.23 5.20 5.97
C HIS A 94 5.19 4.10 5.85
N VAL A 95 5.63 2.84 5.86
CA VAL A 95 4.74 1.70 5.67
C VAL A 95 4.80 0.83 6.91
N VAL A 96 3.64 0.44 7.43
CA VAL A 96 3.54 -0.39 8.62
C VAL A 96 3.27 -1.83 8.23
N GLY A 97 4.31 -2.65 8.24
N GLY A 97 4.28 -2.68 8.30
CA GLY A 97 4.14 -4.08 8.16
CA GLY A 97 4.06 -4.10 8.20
C GLY A 97 3.80 -4.63 9.53
C GLY A 97 3.58 -4.67 9.52
N PRO A 98 3.14 -5.78 9.58
N PRO A 98 2.98 -5.85 9.50
CA PRO A 98 2.87 -6.41 10.88
CA PRO A 98 2.56 -6.48 10.75
C PRO A 98 4.14 -6.74 11.62
C PRO A 98 3.75 -6.89 11.61
N ASN A 99 4.11 -6.53 12.93
N ASN A 99 3.59 -6.72 12.92
CA ASN A 99 5.20 -6.88 13.83
CA ASN A 99 4.60 -7.10 13.89
C ASN A 99 4.83 -8.18 14.54
C ASN A 99 4.18 -8.43 14.50
N VAL A 100 5.51 -9.27 14.16
N VAL A 100 4.92 -9.48 14.19
CA VAL A 100 5.20 -10.58 14.73
CA VAL A 100 4.60 -10.79 14.71
C VAL A 100 5.46 -10.59 16.23
C VAL A 100 4.80 -10.83 16.21
N ASN A 101 6.45 -9.80 16.68
N ASN A 101 5.75 -10.05 16.73
CA ASN A 101 6.73 -9.73 18.11
CA ASN A 101 5.95 -9.94 18.17
C ASN A 101 5.67 -8.96 18.89
C ASN A 101 4.82 -9.18 18.86
N LYS A 102 4.65 -8.43 18.21
N LYS A 102 3.93 -8.55 18.10
CA LYS A 102 3.46 -7.89 18.84
CA LYS A 102 2.72 -7.93 18.64
C LYS A 102 2.23 -8.77 18.61
C LYS A 102 1.48 -8.78 18.40
N GLY A 103 2.36 -9.88 17.91
N GLY A 103 1.64 -9.99 17.85
CA GLY A 103 1.23 -10.74 17.62
CA GLY A 103 0.51 -10.83 17.53
C GLY A 103 0.38 -10.32 16.46
C GLY A 103 -0.28 -10.41 16.30
N GLU A 104 0.88 -9.43 15.59
N GLU A 104 0.33 -9.63 15.41
CA GLU A 104 0.08 -8.88 14.51
CA GLU A 104 -0.39 -9.04 14.30
C GLU A 104 0.00 -9.84 13.33
C GLU A 104 -0.44 -9.99 13.09
N ASP A 105 -1.16 -9.85 12.68
N ASP A 105 -1.50 -9.84 12.29
CA ASP A 105 -1.46 -10.82 11.64
CA ASP A 105 -1.84 -10.81 11.25
C ASP A 105 -0.52 -10.68 10.46
C ASP A 105 -0.84 -10.75 10.10
N ILE A 106 0.15 -11.77 10.10
N ILE A 106 -0.14 -11.86 9.87
CA ILE A 106 1.13 -11.73 9.01
CA ILE A 106 0.84 -11.92 8.79
C ILE A 106 0.46 -11.54 7.66
C ILE A 106 0.18 -11.62 7.44
N GLN A 107 -0.84 -11.85 7.55
N GLN A 107 -1.11 -11.93 7.31
CA GLN A 107 -1.54 -11.66 6.28
CA GLN A 107 -1.83 -11.58 6.09
C GLN A 107 -1.55 -10.19 5.85
C GLN A 107 -1.80 -10.10 5.81
N LEU A 108 -1.49 -9.28 6.81
CA LEU A 108 -1.43 -7.84 6.57
C LEU A 108 -0.15 -7.44 5.84
N LEU A 109 0.81 -8.35 5.70
CA LEU A 109 2.03 -8.01 4.96
C LEU A 109 1.71 -7.70 3.50
N LYS A 110 0.77 -8.42 2.90
CA LYS A 110 0.40 -8.13 1.52
C LYS A 110 -0.20 -6.73 1.41
N SER A 111 -1.11 -6.38 2.34
CA SER A 111 -1.68 -5.04 2.34
C SER A 111 -0.59 -3.98 2.46
N ALA A 112 0.41 -4.24 3.31
CA ALA A 112 1.50 -3.29 3.48
C ALA A 112 2.24 -3.07 2.16
N TYR A 113 2.58 -4.15 1.46
CA TYR A 113 3.29 -4.01 0.19
C TYR A 113 2.44 -3.34 -0.88
N GLU A 114 1.10 -3.46 -0.81
CA GLU A 114 0.26 -2.81 -1.81
C GLU A 114 0.49 -1.31 -1.85
N ASN A 115 0.90 -0.71 -0.72
CA ASN A 115 1.17 0.73 -0.72
C ASN A 115 2.26 1.09 -1.73
N PHE A 116 3.19 0.18 -2.01
CA PHE A 116 4.28 0.49 -2.93
C PHE A 116 3.75 0.76 -4.33
N ASN A 117 2.58 0.19 -4.69
CA ASN A 117 2.07 0.32 -6.05
C ASN A 117 1.63 1.73 -6.40
N GLN A 118 1.54 2.61 -5.40
CA GLN A 118 1.21 4.01 -5.64
C GLN A 118 2.41 4.84 -6.06
N HIS A 119 3.58 4.23 -6.22
CA HIS A 119 4.82 4.92 -6.54
C HIS A 119 5.56 4.15 -7.63
N GLU A 120 5.99 4.87 -8.67
CA GLU A 120 6.56 4.19 -9.84
C GLU A 120 7.89 3.49 -9.52
N VAL A 121 8.69 4.08 -8.64
CA VAL A 121 10.01 3.56 -8.28
C VAL A 121 10.25 3.84 -6.80
N LEU A 122 10.77 2.84 -6.08
CA LEU A 122 11.03 2.98 -4.65
C LEU A 122 12.31 2.26 -4.27
N LEU A 123 13.02 2.82 -3.29
CA LEU A 123 14.06 2.14 -2.53
C LEU A 123 13.42 1.67 -1.22
N ALA A 124 13.60 0.41 -0.86
N ALA A 124 13.54 0.39 -0.90
CA ALA A 124 12.85 -0.12 0.27
CA ALA A 124 12.75 -0.17 0.18
C ALA A 124 13.63 -1.21 0.99
C ALA A 124 13.50 -1.24 0.97
N PRO A 125 13.31 -1.45 2.27
N PRO A 125 13.17 -1.41 2.24
CA PRO A 125 13.71 -2.68 2.94
CA PRO A 125 13.67 -2.55 3.00
C PRO A 125 12.61 -3.73 2.82
C PRO A 125 12.68 -3.70 2.86
N LEU A 126 12.94 -4.95 3.24
N LEU A 126 13.05 -4.85 3.41
CA LEU A 126 11.93 -5.99 3.34
CA LEU A 126 12.15 -5.99 3.46
C LEU A 126 11.00 -5.69 4.52
C LEU A 126 11.17 -5.77 4.62
N LEU A 127 9.71 -5.62 4.23
N LEU A 127 9.91 -5.50 4.32
CA LEU A 127 8.72 -5.31 5.26
CA LEU A 127 8.93 -5.18 5.36
C LEU A 127 8.60 -6.46 6.24
C LEU A 127 8.72 -6.37 6.28
N SER A 128 8.43 -6.11 7.51
N SER A 128 8.51 -6.06 7.56
CA SER A 128 8.28 -7.04 8.62
CA SER A 128 8.21 -6.98 8.65
C SER A 128 9.53 -7.87 8.88
C SER A 128 9.39 -7.89 9.02
N ALA A 129 10.66 -7.56 8.24
N ALA A 129 10.52 -7.80 8.32
CA ALA A 129 11.91 -8.24 8.52
CA ALA A 129 11.70 -8.57 8.69
C ALA A 129 12.59 -7.60 9.73
C ALA A 129 12.45 -7.88 9.82
N GLY A 130 13.80 -8.07 10.05
N GLY A 130 13.56 -8.47 10.23
CA GLY A 130 14.51 -7.48 11.17
CA GLY A 130 14.36 -7.91 11.29
C GLY A 130 13.72 -7.63 12.45
C GLY A 130 13.56 -7.82 12.59
N ILE A 131 13.65 -6.54 13.23
N ILE A 131 13.65 -6.66 13.24
CA ILE A 131 13.02 -6.57 14.55
CA ILE A 131 13.03 -6.48 14.55
C ILE A 131 11.50 -6.71 14.49
C ILE A 131 11.52 -6.64 14.52
N PHE A 132 10.90 -6.65 13.29
N PHE A 132 10.90 -6.68 13.35
CA PHE A 132 9.48 -6.93 13.16
CA PHE A 132 9.46 -6.92 13.28
C PHE A 132 9.18 -8.44 13.13
C PHE A 132 9.09 -8.39 13.36
N GLY A 133 10.20 -9.28 13.04
N GLY A 133 10.06 -9.30 13.29
CA GLY A 133 10.07 -10.68 13.39
CA GLY A 133 9.85 -10.67 13.70
C GLY A 133 9.58 -11.63 12.32
C GLY A 133 9.33 -11.63 12.65
N ALA A 134 9.25 -11.16 11.12
N ALA A 134 9.10 -11.18 11.42
CA ALA A 134 8.81 -12.08 10.09
CA ALA A 134 8.58 -12.08 10.40
C ALA A 134 10.00 -12.72 9.39
C ALA A 134 9.72 -12.77 9.64
N ASP A 135 9.73 -13.85 8.73
N ASP A 135 9.34 -13.77 8.85
CA ASP A 135 10.70 -14.54 7.91
CA ASP A 135 10.31 -14.55 8.07
C ASP A 135 11.00 -13.69 6.68
C ASP A 135 10.75 -13.74 6.87
N PRO A 136 12.24 -13.22 6.49
N PRO A 136 12.04 -13.40 6.76
CA PRO A 136 12.54 -12.42 5.30
CA PRO A 136 12.47 -12.49 5.68
C PRO A 136 12.29 -13.15 3.99
C PRO A 136 12.32 -13.08 4.29
N ILE A 137 12.39 -14.49 3.96
N ILE A 137 12.58 -14.38 4.13
CA ILE A 137 12.06 -15.23 2.74
CA ILE A 137 12.39 -15.03 2.84
C ILE A 137 10.59 -15.06 2.39
C ILE A 137 10.94 -14.90 2.39
N HIS A 138 9.72 -15.17 3.39
N HIS A 138 10.02 -15.05 3.35
CA HIS A 138 8.30 -14.89 3.15
CA HIS A 138 8.60 -14.90 3.05
C HIS A 138 8.08 -13.45 2.71
C HIS A 138 8.25 -13.49 2.62
N SER A 139 8.79 -12.49 3.34
CA SER A 139 8.58 -11.11 2.97
C SER A 139 8.98 -10.84 1.52
N LEU A 140 10.10 -11.42 1.07
CA LEU A 140 10.52 -11.23 -0.31
C LEU A 140 9.50 -11.83 -1.28
N ARG A 141 8.98 -13.02 -0.95
CA ARG A 141 7.97 -13.65 -1.79
C ARG A 141 6.73 -12.77 -1.92
N VAL A 142 6.23 -12.26 -0.79
CA VAL A 142 5.06 -11.39 -0.83
C VAL A 142 5.36 -10.14 -1.65
N CYS A 143 6.55 -9.57 -1.47
CA CYS A 143 6.93 -8.39 -2.26
C CYS A 143 6.82 -8.69 -3.75
N VAL A 144 7.46 -9.77 -4.18
CA VAL A 144 7.49 -10.10 -5.61
C VAL A 144 6.10 -10.36 -6.15
N ASP A 145 5.23 -10.96 -5.34
CA ASP A 145 3.89 -11.32 -5.76
C ASP A 145 2.87 -10.20 -5.57
N THR A 146 3.27 -9.06 -5.01
CA THR A 146 2.34 -7.97 -4.73
C THR A 146 2.72 -6.67 -5.41
N VAL A 147 4.00 -6.30 -5.38
CA VAL A 147 4.45 -5.04 -5.93
C VAL A 147 4.60 -5.19 -7.44
N ARG A 148 4.00 -4.26 -8.18
CA ARG A 148 4.09 -4.21 -9.63
C ARG A 148 4.94 -3.06 -10.15
N THR A 149 5.18 -2.06 -9.30
CA THR A 149 6.06 -0.96 -9.64
C THR A 149 7.51 -1.38 -9.38
N ASN A 150 8.45 -0.51 -9.71
CA ASN A 150 9.86 -0.88 -9.69
C ASN A 150 10.42 -0.68 -8.28
N VAL A 151 10.84 -1.77 -7.65
CA VAL A 151 11.29 -1.73 -6.27
C VAL A 151 12.72 -2.24 -6.19
N TYR A 152 13.56 -1.44 -5.52
CA TYR A 152 14.95 -1.71 -5.26
C TYR A 152 15.08 -2.01 -3.78
N LEU A 153 15.26 -3.29 -3.47
N LEU A 153 15.41 -3.24 -3.44
CA LEU A 153 15.27 -3.82 -2.10
CA LEU A 153 15.53 -3.65 -2.05
C LEU A 153 16.69 -3.83 -1.55
C LEU A 153 16.96 -3.58 -1.58
N ALA A 154 16.87 -3.21 -0.39
N ALA A 154 17.19 -2.89 -0.46
CA ALA A 154 18.15 -3.13 0.28
CA ALA A 154 18.46 -2.89 0.24
C ALA A 154 18.13 -4.04 1.49
C ALA A 154 18.32 -3.81 1.46
N VAL A 155 19.10 -4.94 1.54
N VAL A 155 19.10 -4.88 1.49
CA VAL A 155 19.26 -5.90 2.63
CA VAL A 155 19.03 -5.91 2.54
C VAL A 155 20.58 -5.57 3.31
C VAL A 155 20.28 -5.80 3.40
N PHE A 156 20.51 -5.14 4.57
N PHE A 156 20.09 -5.55 4.70
CA PHE A 156 21.70 -4.72 5.30
CA PHE A 156 21.20 -5.20 5.59
C PHE A 156 22.65 -5.88 5.55
C PHE A 156 22.12 -6.39 5.85
N ASP A 157 22.11 -7.04 5.92
N ASP A 157 21.57 -7.57 6.10
CA ASP A 157 22.90 -8.18 6.35
CA ASP A 157 22.36 -8.71 6.55
C ASP A 157 23.37 -9.00 5.15
C ASP A 157 22.90 -9.47 5.34
N LYS A 158 24.67 -9.23 5.05
N LYS A 158 24.23 -9.54 5.24
CA LYS A 158 25.21 -9.97 3.91
CA LYS A 158 24.88 -10.12 4.05
C LYS A 158 24.78 -11.44 3.95
C LYS A 158 24.53 -11.60 3.91
N ASN A 159 24.83 -12.07 5.13
N ASN A 159 24.62 -12.34 5.01
CA ASN A 159 24.46 -13.48 5.22
CA ASN A 159 24.18 -13.74 4.97
C ASN A 159 23.00 -13.70 4.82
C ASN A 159 22.73 -13.84 4.53
N LEU A 160 22.12 -12.79 5.22
N LEU A 160 21.89 -12.91 4.99
CA LEU A 160 20.70 -12.95 4.91
CA LEU A 160 20.52 -12.86 4.48
C LEU A 160 20.42 -12.79 3.42
C LEU A 160 20.50 -12.47 3.01
N TYR A 161 21.08 -11.81 2.80
N TYR A 161 21.28 -11.45 2.61
CA TYR A 161 20.92 -11.58 1.37
CA TYR A 161 21.34 -11.08 1.19
C TYR A 161 21.23 -12.83 0.57
C TYR A 161 21.73 -12.28 0.34
N ASP A 162 22.35 -13.48 0.89
N ASP A 162 22.87 -12.89 0.66
CA ASP A 162 22.75 -14.67 0.14
CA ASP A 162 23.30 -14.06 -0.09
C ASP A 162 21.69 -15.77 0.25
C ASP A 162 22.25 -15.16 -0.03
N LYS A 163 21.05 -15.91 1.41
N LYS A 163 21.61 -15.33 1.13
CA LYS A 163 20.01 -16.91 1.57
CA LYS A 163 20.61 -16.38 1.27
C LYS A 163 18.78 -16.57 0.75
C LYS A 163 19.35 -16.06 0.47
N LEU A 164 18.40 -15.29 0.70
N LEU A 164 18.92 -14.79 0.46
CA LEU A 164 17.27 -14.84 -0.09
CA LEU A 164 17.72 -14.42 -0.28
C LEU A 164 17.49 -15.12 -1.57
C LEU A 164 17.94 -14.60 -1.78
N VAL A 165 18.68 -14.82 -2.07
N VAL A 165 19.13 -14.28 -2.27
CA VAL A 165 19.00 -15.04 -3.48
CA VAL A 165 19.45 -14.52 -3.67
C VAL A 165 19.05 -16.53 -3.78
C VAL A 165 19.43 -16.01 -3.96
N SER A 166 19.84 -17.26 -3.01
N SER A 166 20.04 -16.81 -3.09
CA SER A 166 20.05 -18.68 -3.29
CA SER A 166 20.32 -18.21 -3.36
C SER A 166 18.75 -19.45 -3.19
C SER A 166 19.26 -19.16 -2.81
N SER A 167 17.82 -18.98 -2.37
N SER A 167 17.98 -18.79 -2.94
CA SER A 167 16.54 -19.63 -2.19
CA SER A 167 16.86 -19.61 -2.49
C SER A 167 15.43 -19.00 -3.01
C SER A 167 15.60 -19.14 -3.18
N PHE A 168 15.73 -18.02 -3.87
CA PHE A 168 14.65 -17.39 -4.60
C PHE A 168 14.13 -18.28 -5.71
N LEU A 169 12.82 -18.48 -5.73
N LEU A 169 12.82 -18.49 -5.73
CA LEU A 169 12.19 -19.28 -6.76
CA LEU A 169 12.21 -19.28 -6.78
C LEU A 169 11.65 -18.36 -7.85
C LEU A 169 11.73 -18.39 -7.91
N SER B 1 -26.80 0.57 18.56
N SER B 1 -26.88 0.54 18.54
CA SER B 1 -27.26 0.99 17.23
CA SER B 1 -27.16 1.03 17.17
C SER B 1 -26.85 -0.02 16.17
C SER B 1 -26.71 0.01 16.12
N MET B 2 -27.43 0.13 14.99
N MET B 2 -27.21 0.21 14.92
CA MET B 2 -27.27 -0.83 13.91
CA MET B 2 -27.06 -0.74 13.82
C MET B 2 -26.45 -0.17 12.81
C MET B 2 -26.19 -0.09 12.74
N VAL B 3 -25.27 -0.73 12.55
N VAL B 3 -24.96 -0.56 12.63
CA VAL B 3 -24.38 -0.27 11.48
CA VAL B 3 -24.06 -0.15 11.54
C VAL B 3 -23.92 -1.49 10.71
C VAL B 3 -23.58 -1.39 10.82
N ASN B 4 -23.40 -1.24 9.50
CA ASN B 4 -22.92 -2.32 8.64
C ASN B 4 -23.92 -3.47 8.61
N SER B 5 -25.22 -3.14 8.51
CA SER B 5 -26.28 -4.14 8.51
C SER B 5 -26.67 -4.46 7.07
N PHE B 6 -25.75 -5.14 6.39
CA PHE B 6 -25.98 -5.55 5.01
C PHE B 6 -26.95 -6.72 4.98
N SER B 7 -27.91 -6.67 4.05
CA SER B 7 -28.94 -7.70 3.96
C SER B 7 -29.26 -7.96 2.50
N GLY B 8 -29.50 -9.24 2.18
CA GLY B 8 -29.93 -9.60 0.84
C GLY B 8 -28.83 -9.70 -0.19
N TYR B 9 -27.58 -9.80 0.24
CA TYR B 9 -26.47 -9.92 -0.70
C TYR B 9 -26.24 -11.37 -1.08
N LEU B 10 -25.81 -11.56 -2.33
CA LEU B 10 -25.41 -12.86 -2.83
C LEU B 10 -23.91 -13.00 -2.67
N LYS B 11 -23.48 -14.11 -2.09
CA LYS B 11 -22.06 -14.36 -1.86
C LYS B 11 -21.42 -14.85 -3.16
N LEU B 12 -20.39 -14.14 -3.62
CA LEU B 12 -19.59 -14.59 -4.76
C LEU B 12 -18.34 -15.33 -4.33
N THR B 13 -17.61 -14.77 -3.37
CA THR B 13 -16.46 -15.41 -2.74
C THR B 13 -16.60 -15.22 -1.23
N ASP B 14 -15.61 -15.71 -0.50
N ASP B 14 -15.60 -15.71 -0.49
CA ASP B 14 -15.65 -15.59 0.96
CA ASP B 14 -15.66 -15.60 0.96
C ASP B 14 -15.78 -14.14 1.41
C ASP B 14 -15.68 -14.17 1.46
N ASN B 15 -15.26 -13.20 0.62
CA ASN B 15 -15.24 -11.80 1.03
C ASN B 15 -15.93 -10.82 0.09
N VAL B 16 -16.48 -11.29 -1.04
CA VAL B 16 -17.12 -10.41 -2.02
C VAL B 16 -18.58 -10.80 -2.15
N TYR B 17 -19.47 -9.81 -1.94
CA TYR B 17 -20.91 -9.98 -1.96
C TYR B 17 -21.50 -8.97 -2.94
N ILE B 18 -22.67 -9.28 -3.49
CA ILE B 18 -23.26 -8.44 -4.53
C ILE B 18 -24.77 -8.38 -4.37
N LYS B 19 -25.34 -7.21 -4.70
CA LYS B 19 -26.77 -6.99 -4.58
C LYS B 19 -27.23 -6.05 -5.68
N ASN B 20 -28.44 -6.29 -6.18
CA ASN B 20 -29.09 -5.36 -7.11
C ASN B 20 -29.73 -4.28 -6.27
N ALA B 21 -29.10 -3.09 -6.24
CA ALA B 21 -29.55 -2.04 -5.34
C ALA B 21 -28.99 -0.69 -5.78
N ASP B 22 -29.68 0.36 -5.37
CA ASP B 22 -29.25 1.75 -5.48
C ASP B 22 -28.32 2.05 -4.30
N ILE B 23 -27.06 2.39 -4.60
CA ILE B 23 -26.05 2.51 -3.56
C ILE B 23 -26.38 3.60 -2.54
N VAL B 24 -27.07 4.66 -2.97
CA VAL B 24 -27.49 5.70 -2.03
C VAL B 24 -28.53 5.14 -1.07
N GLU B 25 -29.56 4.48 -1.60
CA GLU B 25 -30.58 3.88 -0.73
C GLU B 25 -29.96 2.82 0.17
N GLU B 26 -29.01 2.05 -0.36
CA GLU B 26 -28.32 1.04 0.44
C GLU B 26 -27.55 1.69 1.58
N ALA B 27 -26.79 2.74 1.28
CA ALA B 27 -26.02 3.43 2.31
C ALA B 27 -26.93 3.91 3.44
N LYS B 28 -28.07 4.52 3.08
CA LYS B 28 -28.96 5.05 4.10
C LYS B 28 -29.56 3.95 4.96
N LYS B 29 -29.76 2.76 4.39
CA LYS B 29 -30.34 1.65 5.14
C LYS B 29 -29.29 0.86 5.93
N VAL B 30 -28.13 0.59 5.31
CA VAL B 30 -27.10 -0.27 5.91
C VAL B 30 -26.33 0.45 7.00
N LYS B 31 -26.18 1.76 6.87
CA LYS B 31 -25.38 2.58 7.75
C LYS B 31 -23.94 2.07 7.78
N PRO B 32 -23.25 2.04 6.63
CA PRO B 32 -21.90 1.47 6.61
C PRO B 32 -20.86 2.39 7.22
N THR B 33 -19.80 1.79 7.76
CA THR B 33 -18.64 2.56 8.15
C THR B 33 -18.03 3.28 6.96
N VAL B 34 -17.98 2.62 5.80
CA VAL B 34 -17.33 3.16 4.61
C VAL B 34 -18.23 2.95 3.40
N VAL B 35 -18.54 4.03 2.68
CA VAL B 35 -19.07 3.94 1.32
C VAL B 35 -17.99 4.41 0.37
N VAL B 36 -17.80 3.65 -0.72
CA VAL B 36 -16.83 4.01 -1.75
C VAL B 36 -17.49 4.89 -2.79
N ASN B 37 -16.82 5.98 -3.15
CA ASN B 37 -17.19 6.79 -4.29
C ASN B 37 -16.33 6.46 -5.49
N ALA B 38 -16.96 6.41 -6.67
CA ALA B 38 -16.27 6.30 -7.96
C ALA B 38 -15.81 7.71 -8.36
N ALA B 39 -14.68 8.12 -7.79
CA ALA B 39 -14.19 9.48 -7.87
C ALA B 39 -13.28 9.67 -9.08
N ASN B 40 -13.00 10.94 -9.38
CA ASN B 40 -11.95 11.35 -10.28
C ASN B 40 -10.90 12.13 -9.51
N VAL B 41 -9.77 12.44 -10.17
CA VAL B 41 -8.61 12.96 -9.45
C VAL B 41 -8.86 14.32 -8.81
N TYR B 42 -9.77 15.13 -9.37
CA TYR B 42 -10.09 16.43 -8.80
C TYR B 42 -11.35 16.40 -7.95
N LEU B 43 -11.88 15.21 -7.64
CA LEU B 43 -13.04 15.06 -6.78
C LEU B 43 -14.19 15.97 -7.25
N LYS B 44 -14.42 16.00 -8.56
CA LYS B 44 -15.54 16.71 -9.15
C LYS B 44 -16.66 15.70 -9.38
N HIS B 45 -17.69 15.77 -8.53
CA HIS B 45 -18.68 14.70 -8.44
C HIS B 45 -19.86 15.01 -9.35
N GLY B 46 -19.62 14.85 -10.64
N GLY B 46 -19.61 14.87 -10.65
CA GLY B 46 -20.59 15.25 -11.65
CA GLY B 46 -20.61 15.25 -11.63
C GLY B 46 -21.65 14.24 -12.05
C GLY B 46 -21.66 14.19 -11.93
N GLY B 47 -21.22 13.03 -12.41
CA GLY B 47 -22.12 12.04 -12.97
C GLY B 47 -22.05 10.70 -12.26
N GLY B 48 -22.89 9.78 -12.73
CA GLY B 48 -22.83 8.42 -12.21
C GLY B 48 -22.92 8.37 -10.71
N VAL B 49 -22.14 7.46 -10.12
CA VAL B 49 -22.18 7.24 -8.68
C VAL B 49 -21.82 8.53 -7.93
N ALA B 50 -20.77 9.22 -8.36
CA ALA B 50 -20.31 10.39 -7.62
C ALA B 50 -21.39 11.47 -7.60
N GLY B 51 -22.04 11.71 -8.74
CA GLY B 51 -23.11 12.68 -8.77
C GLY B 51 -24.25 12.32 -7.83
N ALA B 52 -24.60 11.03 -7.79
CA ALA B 52 -25.69 10.59 -6.92
C ALA B 52 -25.32 10.73 -5.44
N LEU B 53 -24.10 10.31 -5.08
CA LEU B 53 -23.70 10.44 -3.68
C LEU B 53 -23.68 11.92 -3.27
N ASN B 54 -23.09 12.77 -4.11
CA ASN B 54 -23.01 14.18 -3.76
C ASN B 54 -24.39 14.79 -3.63
N LYS B 55 -25.30 14.48 -4.55
CA LYS B 55 -26.65 15.00 -4.47
C LYS B 55 -27.31 14.59 -3.16
N ALA B 56 -27.10 13.34 -2.72
CA ALA B 56 -27.72 12.89 -1.48
C ALA B 56 -27.23 13.70 -0.29
N THR B 57 -25.98 14.20 -0.36
CA THR B 57 -25.43 15.04 0.70
C THR B 57 -25.79 16.52 0.54
N ASN B 58 -26.66 16.86 -0.41
CA ASN B 58 -27.03 18.25 -0.66
C ASN B 58 -25.80 19.10 -0.94
N ASN B 59 -24.85 18.55 -1.69
CA ASN B 59 -23.64 19.21 -2.16
C ASN B 59 -22.58 19.36 -1.06
N ALA B 60 -22.83 18.88 0.16
CA ALA B 60 -21.82 19.00 1.20
C ALA B 60 -20.55 18.23 0.84
N MET B 61 -20.70 17.09 0.16
CA MET B 61 -19.53 16.33 -0.27
C MET B 61 -18.68 17.16 -1.23
N GLN B 62 -19.30 17.87 -2.17
CA GLN B 62 -18.53 18.66 -3.12
C GLN B 62 -17.80 19.81 -2.44
N VAL B 63 -18.45 20.50 -1.50
CA VAL B 63 -17.78 21.59 -0.80
C VAL B 63 -16.57 21.07 -0.04
N GLU B 64 -16.74 19.96 0.68
CA GLU B 64 -15.65 19.36 1.42
C GLU B 64 -14.52 18.92 0.48
N SER B 65 -14.90 18.35 -0.67
CA SER B 65 -13.91 17.87 -1.63
C SER B 65 -13.10 19.01 -2.22
N ASP B 66 -13.75 20.13 -2.56
CA ASP B 66 -13.02 21.26 -3.10
C ASP B 66 -12.00 21.80 -2.10
N ASP B 67 -12.37 21.82 -0.82
CA ASP B 67 -11.42 22.22 0.21
C ASP B 67 -10.26 21.24 0.32
N TYR B 68 -10.55 19.93 0.24
CA TYR B 68 -9.49 18.94 0.26
C TYR B 68 -8.50 19.18 -0.89
N ILE B 69 -9.02 19.45 -2.10
CA ILE B 69 -8.17 19.66 -3.26
C ILE B 69 -7.34 20.93 -3.10
N ALA B 70 -7.93 21.99 -2.56
CA ALA B 70 -7.16 23.21 -2.34
C ALA B 70 -5.95 22.95 -1.44
N THR B 71 -6.13 22.11 -0.43
CA THR B 71 -5.06 21.86 0.54
C THR B 71 -4.05 20.83 0.02
N ASN B 72 -4.51 19.82 -0.72
CA ASN B 72 -3.72 18.64 -1.01
C ASN B 72 -3.41 18.43 -2.49
N GLY B 73 -4.10 19.10 -3.40
CA GLY B 73 -3.95 18.83 -4.81
C GLY B 73 -4.66 17.56 -5.22
N PRO B 74 -4.64 17.26 -6.51
CA PRO B 74 -5.39 16.12 -7.04
C PRO B 74 -4.81 14.79 -6.59
N LEU B 75 -5.69 13.79 -6.57
CA LEU B 75 -5.28 12.41 -6.35
C LEU B 75 -4.57 11.88 -7.60
N LYS B 76 -3.97 10.69 -7.44
CA LYS B 76 -3.45 9.92 -8.56
C LYS B 76 -4.52 8.94 -9.03
N VAL B 77 -4.56 8.66 -10.34
CA VAL B 77 -5.37 7.54 -10.81
C VAL B 77 -4.84 6.27 -10.15
N GLY B 78 -5.75 5.50 -9.54
CA GLY B 78 -5.39 4.37 -8.73
C GLY B 78 -5.31 4.67 -7.25
N GLY B 79 -5.39 5.94 -6.86
CA GLY B 79 -5.30 6.34 -5.47
C GLY B 79 -6.66 6.63 -4.85
N SER B 80 -6.61 7.10 -3.59
CA SER B 80 -7.83 7.33 -2.84
C SER B 80 -7.57 8.36 -1.74
N CYS B 81 -8.67 8.87 -1.18
CA CYS B 81 -8.61 9.60 0.08
C CYS B 81 -9.87 9.30 0.88
N VAL B 82 -9.76 9.43 2.20
CA VAL B 82 -10.88 9.27 3.12
C VAL B 82 -11.40 10.63 3.51
N LEU B 83 -12.69 10.86 3.26
CA LEU B 83 -13.39 12.06 3.69
C LEU B 83 -14.65 11.66 4.47
N SER B 84 -15.44 12.64 4.88
CA SER B 84 -16.66 12.34 5.62
C SER B 84 -17.65 11.59 4.74
N GLY B 85 -18.45 10.75 5.38
CA GLY B 85 -19.58 10.12 4.72
C GLY B 85 -20.89 10.86 4.87
N HIS B 86 -20.94 11.99 5.57
CA HIS B 86 -22.13 12.85 5.59
C HIS B 86 -23.33 12.06 6.08
N ASN B 87 -24.45 12.05 5.35
CA ASN B 87 -25.65 11.31 5.72
C ASN B 87 -25.67 9.90 5.15
N LEU B 88 -24.54 9.43 4.61
CA LEU B 88 -24.46 8.14 3.94
C LEU B 88 -23.68 7.09 4.70
N ALA B 89 -22.68 7.49 5.48
CA ALA B 89 -21.72 6.55 6.05
C ALA B 89 -20.88 7.33 7.05
N LYS B 90 -20.11 6.61 7.86
CA LYS B 90 -19.13 7.31 8.68
C LYS B 90 -18.12 8.03 7.80
N HIS B 91 -17.57 7.30 6.81
CA HIS B 91 -16.55 7.81 5.92
C HIS B 91 -16.95 7.52 4.48
N CYS B 92 -16.51 8.39 3.57
CA CYS B 92 -16.50 8.10 2.15
C CYS B 92 -15.06 7.90 1.70
N LEU B 93 -14.77 6.72 1.14
CA LEU B 93 -13.49 6.44 0.50
C LEU B 93 -13.61 6.79 -0.97
N HIS B 94 -13.00 7.90 -1.36
CA HIS B 94 -13.01 8.35 -2.74
C HIS B 94 -11.89 7.63 -3.48
N VAL B 95 -12.23 6.71 -4.40
CA VAL B 95 -11.25 5.89 -5.10
C VAL B 95 -11.30 6.23 -6.58
N VAL B 96 -10.14 6.46 -7.17
CA VAL B 96 -10.04 6.83 -8.58
C VAL B 96 -9.64 5.59 -9.38
N GLY B 97 -10.61 4.96 -10.07
CA GLY B 97 -10.30 3.96 -11.06
C GLY B 97 -9.99 4.62 -12.38
N PRO B 98 -9.30 3.90 -13.27
CA PRO B 98 -9.03 4.44 -14.61
C PRO B 98 -10.33 4.64 -15.39
N ASN B 99 -10.39 5.75 -16.11
CA ASN B 99 -11.52 6.07 -16.98
C ASN B 99 -11.12 5.71 -18.41
N VAL B 100 -11.59 4.56 -18.90
N VAL B 100 -11.61 4.57 -18.89
CA VAL B 100 -11.27 4.14 -20.26
CA VAL B 100 -11.30 4.12 -20.25
C VAL B 100 -11.85 5.12 -21.28
C VAL B 100 -11.87 5.08 -21.28
N ASN B 101 -13.00 5.73 -20.98
CA ASN B 101 -13.56 6.74 -21.87
C ASN B 101 -12.68 7.98 -21.98
N LYS B 102 -11.71 8.14 -21.07
CA LYS B 102 -10.70 9.20 -21.16
C LYS B 102 -9.35 8.65 -21.61
N GLY B 103 -9.28 7.40 -22.04
CA GLY B 103 -8.04 6.82 -22.52
C GLY B 103 -7.08 6.36 -21.45
N GLU B 104 -7.51 6.35 -20.19
N GLU B 104 -7.52 6.30 -20.19
CA GLU B 104 -6.62 5.99 -19.09
CA GLU B 104 -6.63 5.90 -19.11
C GLU B 104 -6.39 4.48 -19.07
C GLU B 104 -6.46 4.38 -19.09
N ASP B 105 -5.25 4.08 -18.51
N ASP B 105 -5.32 3.94 -18.56
CA ASP B 105 -4.81 2.70 -18.60
CA ASP B 105 -4.89 2.56 -18.67
C ASP B 105 -5.64 1.79 -17.71
C ASP B 105 -5.70 1.68 -17.74
N ILE B 106 -6.34 0.84 -18.32
N ILE B 106 -6.43 0.72 -18.31
CA ILE B 106 -7.17 -0.11 -17.57
CA ILE B 106 -7.22 -0.21 -17.52
C ILE B 106 -6.33 -0.92 -16.58
C ILE B 106 -6.37 -1.01 -16.54
N GLN B 107 -5.03 -1.05 -16.83
N GLN B 107 -5.06 -1.09 -16.78
CA GLN B 107 -4.16 -1.79 -15.91
CA GLN B 107 -4.18 -1.83 -15.88
C GLN B 107 -4.16 -1.21 -14.51
C GLN B 107 -4.13 -1.20 -14.49
N LEU B 108 -4.48 0.08 -14.35
CA LEU B 108 -4.49 0.74 -13.05
C LEU B 108 -5.66 0.33 -12.17
N LEU B 109 -6.57 -0.49 -12.69
CA LEU B 109 -7.73 -0.89 -11.93
C LEU B 109 -7.34 -1.72 -10.71
N LYS B 110 -6.31 -2.56 -10.82
CA LYS B 110 -5.90 -3.36 -9.67
C LYS B 110 -5.42 -2.45 -8.53
N SER B 111 -4.57 -1.46 -8.85
CA SER B 111 -4.12 -0.50 -7.84
C SER B 111 -5.31 0.19 -7.18
N ALA B 112 -6.31 0.57 -7.98
CA ALA B 112 -7.49 1.22 -7.42
C ALA B 112 -8.18 0.33 -6.39
N TYR B 113 -8.39 -0.94 -6.75
CA TYR B 113 -9.04 -1.86 -5.81
C TYR B 113 -8.20 -2.13 -4.56
N GLU B 114 -6.87 -2.04 -4.65
CA GLU B 114 -6.05 -2.27 -3.48
C GLU B 114 -6.39 -1.32 -2.34
N ASN B 115 -6.91 -0.12 -2.66
CA ASN B 115 -7.32 0.80 -1.60
C ASN B 115 -8.36 0.19 -0.69
N PHE B 116 -9.20 -0.71 -1.21
CA PHE B 116 -10.26 -1.30 -0.40
C PHE B 116 -9.68 -2.11 0.75
N ASN B 117 -8.46 -2.66 0.58
CA ASN B 117 -7.88 -3.52 1.61
C ASN B 117 -7.51 -2.78 2.87
N GLN B 118 -7.55 -1.45 2.86
CA GLN B 118 -7.29 -0.67 4.06
C GLN B 118 -8.53 -0.51 4.95
N HIS B 119 -9.64 -1.16 4.60
CA HIS B 119 -10.89 -1.06 5.34
C HIS B 119 -11.50 -2.43 5.50
N GLU B 120 -11.91 -2.78 6.72
CA GLU B 120 -12.35 -4.15 6.98
C GLU B 120 -13.65 -4.48 6.26
N VAL B 121 -14.54 -3.50 6.08
CA VAL B 121 -15.82 -3.71 5.39
C VAL B 121 -16.21 -2.43 4.69
N LEU B 122 -16.71 -2.57 3.45
CA LEU B 122 -17.07 -1.43 2.60
C LEU B 122 -18.33 -1.74 1.81
N LEU B 123 -19.15 -0.70 1.59
CA LEU B 123 -20.19 -0.68 0.57
C LEU B 123 -19.61 0.03 -0.65
N ALA B 124 -19.70 -0.59 -1.84
CA ALA B 124 -18.96 -0.06 -2.97
C ALA B 124 -19.68 -0.29 -4.29
N PRO B 125 -19.40 0.55 -5.28
CA PRO B 125 -19.72 0.25 -6.68
C PRO B 125 -18.54 -0.49 -7.33
N LEU B 126 -18.80 -1.04 -8.52
CA LEU B 126 -17.73 -1.59 -9.33
C LEU B 126 -16.89 -0.47 -9.91
N LEU B 127 -15.60 -0.46 -9.60
CA LEU B 127 -14.73 0.60 -10.06
C LEU B 127 -14.55 0.55 -11.58
N SER B 128 -14.45 1.73 -12.16
CA SER B 128 -14.23 1.95 -13.58
C SER B 128 -15.40 1.51 -14.44
N ALA B 129 -16.51 1.07 -13.85
CA ALA B 129 -17.69 0.68 -14.61
C ALA B 129 -18.49 1.90 -15.02
N GLY B 130 -19.55 1.65 -15.78
CA GLY B 130 -20.50 2.69 -16.09
C GLY B 130 -19.87 3.78 -16.93
N ILE B 131 -20.00 5.03 -16.44
CA ILE B 131 -19.50 6.17 -17.18
C ILE B 131 -17.99 6.18 -17.31
N PHE B 132 -17.29 5.34 -16.54
CA PHE B 132 -15.84 5.21 -16.67
C PHE B 132 -15.41 4.26 -17.79
N GLY B 133 -16.35 3.47 -18.35
CA GLY B 133 -16.12 2.79 -19.61
C GLY B 133 -15.48 1.42 -19.57
N ALA B 134 -15.10 0.90 -18.42
CA ALA B 134 -14.53 -0.45 -18.39
C ALA B 134 -15.63 -1.50 -18.46
N ASP B 135 -15.24 -2.71 -18.83
CA ASP B 135 -16.15 -3.85 -18.84
C ASP B 135 -16.47 -4.19 -17.39
N PRO B 136 -17.74 -4.10 -16.95
CA PRO B 136 -18.03 -4.43 -15.55
C PRO B 136 -17.69 -5.85 -15.18
N ILE B 137 -17.75 -6.79 -16.13
CA ILE B 137 -17.33 -8.17 -15.85
C ILE B 137 -15.86 -8.20 -15.46
N HIS B 138 -15.04 -7.43 -16.17
CA HIS B 138 -13.63 -7.35 -15.81
C HIS B 138 -13.44 -6.65 -14.47
N SER B 139 -14.20 -5.61 -14.20
CA SER B 139 -14.07 -4.93 -12.91
C SER B 139 -14.39 -5.88 -11.77
N LEU B 140 -15.42 -6.71 -11.92
CA LEU B 140 -15.74 -7.69 -10.88
C LEU B 140 -14.60 -8.70 -10.73
N ARG B 141 -14.01 -9.13 -11.86
CA ARG B 141 -12.86 -10.04 -11.83
C ARG B 141 -11.72 -9.45 -11.02
N VAL B 142 -11.36 -8.20 -11.32
CA VAL B 142 -10.25 -7.58 -10.61
C VAL B 142 -10.61 -7.40 -9.14
N CYS B 143 -11.85 -7.03 -8.85
CA CYS B 143 -12.28 -6.92 -7.45
C CYS B 143 -12.04 -8.22 -6.71
N VAL B 144 -12.56 -9.32 -7.24
CA VAL B 144 -12.45 -10.61 -6.55
C VAL B 144 -11.00 -11.02 -6.39
N ASP B 145 -10.16 -10.71 -7.38
CA ASP B 145 -8.77 -11.14 -7.36
C ASP B 145 -7.86 -10.19 -6.59
N THR B 146 -8.38 -9.06 -6.09
CA THR B 146 -7.57 -8.05 -5.43
C THR B 146 -8.01 -7.75 -4.01
N VAL B 147 -9.32 -7.60 -3.80
CA VAL B 147 -9.83 -7.23 -2.49
C VAL B 147 -9.89 -8.47 -1.62
N ARG B 148 -9.38 -8.34 -0.40
CA ARG B 148 -9.41 -9.40 0.60
C ARG B 148 -10.29 -9.06 1.79
N THR B 149 -10.60 -7.79 2.01
CA THR B 149 -11.53 -7.35 3.03
C THR B 149 -12.95 -7.54 2.52
N ASN B 150 -13.94 -7.26 3.37
CA ASN B 150 -15.33 -7.59 3.05
C ASN B 150 -15.95 -6.47 2.23
N VAL B 151 -16.27 -6.75 0.98
CA VAL B 151 -16.81 -5.74 0.08
C VAL B 151 -18.20 -6.16 -0.37
N TYR B 152 -19.14 -5.24 -0.20
CA TYR B 152 -20.55 -5.38 -0.55
C TYR B 152 -20.80 -4.47 -1.74
N LEU B 153 -20.98 -5.09 -2.91
CA LEU B 153 -21.13 -4.37 -4.17
C LEU B 153 -22.60 -4.12 -4.48
N ALA B 154 -22.91 -2.87 -4.81
CA ALA B 154 -24.25 -2.46 -5.21
C ALA B 154 -24.26 -2.22 -6.72
N VAL B 155 -25.15 -2.93 -7.41
CA VAL B 155 -25.31 -2.80 -8.86
C VAL B 155 -26.74 -2.34 -9.12
N PHE B 156 -26.89 -1.16 -9.71
CA PHE B 156 -28.21 -0.54 -9.85
C PHE B 156 -29.11 -1.27 -10.84
N ASP B 157 -28.60 -1.58 -12.02
CA ASP B 157 -29.42 -2.16 -13.08
C ASP B 157 -29.55 -3.66 -12.89
N LYS B 158 -30.78 -4.14 -12.70
CA LYS B 158 -31.04 -5.58 -12.56
C LYS B 158 -30.44 -6.38 -13.71
N ASN B 159 -30.50 -5.84 -14.93
CA ASN B 159 -30.00 -6.60 -16.07
C ASN B 159 -28.47 -6.71 -16.06
N LEU B 160 -27.78 -5.68 -15.57
CA LEU B 160 -26.33 -5.82 -15.42
C LEU B 160 -26.00 -6.74 -14.26
N TYR B 161 -26.73 -6.62 -13.15
CA TYR B 161 -26.57 -7.55 -12.04
C TYR B 161 -26.67 -9.00 -12.51
N ASP B 162 -27.70 -9.31 -13.29
CA ASP B 162 -27.88 -10.68 -13.77
C ASP B 162 -26.71 -11.10 -14.66
N LYS B 163 -26.22 -10.20 -15.52
CA LYS B 163 -25.09 -10.55 -16.37
C LYS B 163 -23.84 -10.84 -15.54
N LEU B 164 -23.62 -10.02 -14.50
CA LEU B 164 -22.46 -10.19 -13.64
C LEU B 164 -22.53 -11.52 -12.87
N VAL B 165 -23.68 -11.80 -12.25
CA VAL B 165 -23.83 -13.00 -11.45
C VAL B 165 -23.80 -14.24 -12.33
N SER B 166 -24.59 -14.21 -13.42
CA SER B 166 -24.73 -15.39 -14.24
C SER B 166 -23.43 -15.78 -14.93
N SER B 167 -22.53 -14.81 -15.17
CA SER B 167 -21.28 -15.10 -15.85
C SER B 167 -20.09 -15.28 -14.90
N PHE B 168 -20.26 -15.04 -13.60
CA PHE B 168 -19.13 -15.14 -12.68
C PHE B 168 -18.64 -16.58 -12.53
N LEU B 169 -19.57 -17.53 -12.59
CA LEU B 169 -19.26 -18.95 -12.43
C LEU B 169 -20.16 -19.85 -13.25
N2 A1A91 C . 17.35 -3.52 6.35
C3 A1A91 C . 19.16 -7.48 10.29
C6 A1A91 C . 16.37 -6.56 7.76
C9 A1A91 C . 17.36 -3.26 7.70
C12 A1A91 C . 18.13 -2.12 8.17
C14 A1A91 C . 19.28 -0.37 9.10
C17 A1A91 C . 17.87 -10.99 9.82
C1 A1A91 C . 19.97 -9.63 11.36
C10 A1A91 C . 18.05 -2.68 5.51
C11 A1A91 C . 18.80 -1.37 7.16
C13 A1A91 C . 18.47 -1.45 9.39
C15 A1A91 C . 17.21 -8.75 8.86
C16 A1A91 C . 18.04 -9.51 9.70
C2 A1A91 C . 19.05 -8.87 10.44
C4 A1A91 C . 18.32 -6.74 9.45
C5 A1A91 C . 17.30 -7.35 8.70
C7 A1A91 C . 15.68 -5.23 8.28
C8 A1A91 C . 14.59 -4.79 7.23
N1 A1A91 C . 16.65 -4.10 8.57
N3 A1A91 C . 18.79 -1.60 5.82
N4 A1A91 C . 19.49 -0.32 7.72
O1 A1A91 C . 14.12 -5.93 6.61
H5 A1A91 C . 19.94 -6.95 10.86
H7 A1A91 C . 15.60 -7.26 7.42
H8 A1A91 C . 16.92 -6.35 6.82
H15 A1A91 C . 19.76 0.40 9.69
H20 A1A91 C . 18.79 -11.58 9.66
H19 A1A91 C . 17.15 -11.45 9.12
H18 A1A91 C . 17.53 -11.31 10.82
H4 A1A91 C . 19.59 -10.61 11.67
H3 A1A91 C . 20.21 -9.13 12.29
H2 A1A91 C . 20.96 -9.85 10.91
H13 A1A91 C . 18.06 -2.86 4.42
H14 A1A91 C . 18.17 -1.69 10.40
H17 A1A91 C . 16.43 -9.27 8.29
H6 A1A91 C . 18.46 -5.66 9.39
H1 A1A91 C . 15.19 -5.50 9.22
H10 A1A91 C . 13.76 -4.26 7.76
H9 A1A91 C . 14.95 -4.06 6.48
H12 A1A91 C . 16.82 -3.90 9.54
H16 A1A91 C . 20.04 0.37 7.22
H11 A1A91 C . 13.52 -5.68 5.92
O1 A1A90 D . 13.92 -6.06 6.63
C1 A1A90 D . 20.37 -9.75 10.64
C2 A1A90 D . 19.16 -8.92 10.21
C3 A1A90 D . 19.18 -7.50 10.29
C4 A1A90 D . 18.08 -6.70 9.92
C5 A1A90 D . 16.88 -7.29 9.42
C6 A1A90 D . 15.65 -6.43 8.99
C7 A1A90 D . 15.93 -5.40 7.79
C8 A1A90 D . 14.56 -4.94 7.15
C10 A1A90 D . 18.18 -2.48 5.28
C11 A1A90 D . 18.80 -1.34 7.09
C12 A1A90 D . 18.15 -2.20 8.01
C13 A1A90 D . 18.43 -1.65 9.31
C14 A1A90 D . 19.21 -0.51 9.16
C15 A1A90 D . 16.87 -8.72 9.34
C16 A1A90 D . 17.97 -9.53 9.73
C17 A1A90 D . 17.89 -11.06 9.61
C9 A1A90 D . 17.45 -3.30 7.42
N1 A1A90 D . 16.77 -4.23 8.22
N2 A1A90 D . 17.48 -3.41 6.04
N3 A1A90 D . 18.87 -1.39 5.71
N4 A1A90 D . 19.44 -0.31 7.77
H11 A1A90 D . 13.19 -5.80 6.04
H3 A1A90 D . 20.73 -10.47 9.88
H4 A1A90 D . 20.21 -10.40 11.54
H2 A1A90 D . 21.26 -9.16 10.91
H5 A1A90 D . 20.11 -6.98 10.69
H6 A1A90 D . 18.13 -5.59 9.99
H7 A1A90 D . 15.25 -5.84 9.85
H8 A1A90 D . 14.77 -7.07 8.71
H1 A1A90 D . 16.52 -6.00 7.04
H9 A1A90 D . 13.94 -4.46 7.93
H10 A1A90 D . 14.73 -4.17 6.36
H13 A1A90 D . 18.17 -2.61 4.16
H14 A1A90 D . 18.13 -1.98 10.30
H15 A1A90 D . 19.67 0.24 9.74
H17 A1A90 D . 15.95 -9.22 8.96
H20 A1A90 D . 16.93 -11.50 9.96
H18 A1A90 D . 18.64 -11.63 10.22
H19 A1A90 D . 18.03 -11.48 8.60
H12 A1A90 D . 16.81 -4.15 9.23
H16 A1A90 D . 19.97 0.43 7.40
CL CL E . 15.61 -4.22 11.46
#